data_4I96
#
_entry.id   4I96
#
_cell.length_a   68.449
_cell.length_b   68.449
_cell.length_c   131.895
_cell.angle_alpha   90.00
_cell.angle_beta   90.00
_cell.angle_gamma   120.00
#
_symmetry.space_group_name_H-M   'P 31 2 1'
#
loop_
_entity.id
_entity.type
_entity.pdbx_description
1 polymer 'Ryanodine receptor 1'
2 water water
#
_entity_poly.entity_id   1
_entity_poly.type   'polypeptide(L)'
_entity_poly.pdbx_seq_one_letter_code
;GHVLRLFHGHMDECLTISAADSDDQRRLVYYEGGAVCTHARSLWRLEPLRISWSGSHLRWGQPLRIRHVTTGRYLALTED
QGLVVVDACKAHTKATSFCFRVSKEKLDTAPKRDVEGMGPPEIKYGESLCFVQHVASGLWLTYAAPDPKALRLGVLKKKA
ILHQEGHMDDALFLTRCQQEESQAARMIHSTAGLYNQFIKGLDSFSGKPRGSGPPAGPALPIEAVILSLQDLIGYFEPPS
EELQHEEKQSKLRSLRNRQSLFQEEGMLSLVLNCIDRLNVYTTAAHFAEYAGEEAAESWKEIVNLLYELLASLIRGNRAN
;
_entity_poly.pdbx_strand_id   A
#
# COMPACT_ATOMS: atom_id res chain seq x y z
N GLY A 1 -9.59 5.71 -10.43
CA GLY A 1 -10.28 7.01 -10.17
C GLY A 1 -9.71 7.75 -8.96
N HIS A 2 -10.57 8.00 -7.97
CA HIS A 2 -10.18 8.72 -6.73
C HIS A 2 -9.83 7.73 -5.64
N VAL A 3 -8.90 8.15 -4.78
CA VAL A 3 -8.46 7.40 -3.62
C VAL A 3 -9.27 7.80 -2.39
N LEU A 4 -9.86 6.82 -1.72
CA LEU A 4 -10.82 7.07 -0.67
C LEU A 4 -10.74 6.10 0.49
N ARG A 5 -11.42 6.41 1.58
CA ARG A 5 -11.67 5.46 2.66
C ARG A 5 -13.11 4.97 2.60
N LEU A 6 -13.36 3.76 3.10
CA LEU A 6 -14.73 3.22 3.21
C LEU A 6 -15.16 3.07 4.66
N PHE A 7 -16.16 3.85 5.07
CA PHE A 7 -16.62 3.89 6.47
C PHE A 7 -17.95 3.21 6.74
N HIS A 8 -18.07 2.62 7.93
CA HIS A 8 -19.36 2.29 8.55
C HIS A 8 -20.04 3.54 9.11
N GLY A 9 -21.37 3.56 9.11
CA GLY A 9 -22.14 4.65 9.73
C GLY A 9 -22.03 4.65 11.25
N GLU A 13 -15.04 3.94 12.50
CA GLU A 13 -14.44 2.72 11.91
C GLU A 13 -14.55 2.49 10.37
N CYS A 14 -13.48 1.97 9.76
CA CYS A 14 -13.33 1.92 8.29
C CYS A 14 -12.63 0.66 7.76
N LEU A 15 -12.69 0.46 6.44
CA LEU A 15 -12.17 -0.78 5.78
C LEU A 15 -10.66 -0.76 5.50
N THR A 16 -9.97 -1.79 5.97
CA THR A 16 -8.52 -1.73 6.08
C THR A 16 -7.89 -3.11 6.10
N ILE A 17 -6.63 -3.18 5.65
CA ILE A 17 -5.82 -4.38 5.86
C ILE A 17 -4.89 -4.18 7.08
N SER A 18 -4.20 -5.24 7.49
CA SER A 18 -3.33 -5.17 8.66
C SER A 18 -2.11 -4.28 8.41
N ALA A 19 -1.34 -4.00 9.45
CA ALA A 19 -0.14 -3.16 9.32
C ALA A 19 1.01 -3.95 8.70
N ALA A 20 2.02 -3.24 8.20
CA ALA A 20 3.23 -3.87 7.63
C ALA A 20 3.78 -4.94 8.55
N ASP A 21 4.29 -6.01 7.93
CA ASP A 21 4.88 -7.14 8.64
C ASP A 21 3.92 -7.73 9.69
N SER A 22 2.69 -8.06 9.26
CA SER A 22 1.72 -8.72 10.12
C SER A 22 1.64 -10.19 9.75
N ASP A 23 1.41 -11.04 10.75
CA ASP A 23 1.31 -12.50 10.55
C ASP A 23 0.31 -12.94 9.45
N ASP A 24 -0.75 -12.16 9.23
CA ASP A 24 -1.74 -12.44 8.16
C ASP A 24 -1.24 -12.10 6.73
N GLN A 25 0.00 -11.64 6.62
CA GLN A 25 0.65 -11.30 5.33
C GLN A 25 -0.09 -10.22 4.53
N ARG A 26 -0.88 -9.39 5.23
CA ARG A 26 -1.60 -8.27 4.63
C ARG A 26 -2.66 -8.72 3.62
N ARG A 27 -3.01 -10.00 3.59
CA ARG A 27 -4.01 -10.50 2.63
C ARG A 27 -5.46 -10.33 3.12
N LEU A 28 -5.66 -10.28 4.43
CA LEU A 28 -7.03 -10.20 4.97
C LEU A 28 -7.53 -8.76 5.06
N VAL A 29 -8.83 -8.60 5.21
CA VAL A 29 -9.46 -7.30 5.24
C VAL A 29 -10.31 -7.19 6.52
N TYR A 30 -10.34 -6.00 7.10
CA TYR A 30 -10.98 -5.78 8.40
C TYR A 30 -11.77 -4.48 8.39
N TYR A 31 -12.58 -4.29 9.43
CA TYR A 31 -13.09 -2.97 9.79
C TYR A 31 -12.43 -2.58 11.09
N GLU A 32 -11.85 -1.37 11.15
CA GLU A 32 -11.11 -0.96 12.31
C GLU A 32 -11.30 0.53 12.58
N GLY A 33 -11.26 0.92 13.85
CA GLY A 33 -11.36 2.32 14.24
C GLY A 33 -10.08 2.76 14.92
N GLY A 34 -10.02 4.03 15.31
CA GLY A 34 -8.83 4.56 15.95
C GLY A 34 -7.82 5.09 14.96
N ALA A 35 -6.56 4.76 15.20
CA ALA A 35 -5.46 5.26 14.39
C ALA A 35 -5.60 5.09 12.86
N VAL A 36 -6.07 3.92 12.42
CA VAL A 36 -6.13 3.64 10.98
C VAL A 36 -6.80 4.70 10.15
N CYS A 37 -7.79 5.36 10.74
CA CYS A 37 -8.62 6.31 10.02
C CYS A 37 -7.78 7.46 9.44
N THR A 38 -6.57 7.62 9.97
CA THR A 38 -5.64 8.65 9.53
C THR A 38 -4.43 8.09 8.79
N HIS A 39 -4.30 6.76 8.78
CA HIS A 39 -3.15 6.05 8.23
C HIS A 39 -3.39 5.52 6.81
N ALA A 40 -2.30 5.29 6.07
CA ALA A 40 -2.39 4.92 4.65
C ALA A 40 -2.96 3.52 4.37
N ARG A 41 -2.89 2.61 5.36
CA ARG A 41 -3.32 1.23 5.14
C ARG A 41 -4.83 1.02 4.87
N SER A 42 -5.64 2.04 5.20
CA SER A 42 -7.08 2.06 5.03
C SER A 42 -7.53 2.82 3.78
N LEU A 43 -6.57 3.11 2.88
CA LEU A 43 -6.86 3.83 1.63
C LEU A 43 -7.03 2.88 0.42
N TRP A 44 -7.99 3.19 -0.44
CA TRP A 44 -8.39 2.29 -1.52
C TRP A 44 -8.70 3.15 -2.72
N ARG A 45 -8.54 2.60 -3.92
CA ARG A 45 -8.99 3.28 -5.16
C ARG A 45 -10.02 2.42 -5.90
N LEU A 46 -11.04 3.07 -6.45
CA LEU A 46 -12.09 2.37 -7.17
C LEU A 46 -11.80 2.37 -8.66
N GLU A 47 -11.72 1.20 -9.28
CA GLU A 47 -11.35 1.16 -10.68
C GLU A 47 -12.45 0.54 -11.54
N PRO A 48 -13.34 1.39 -12.06
CA PRO A 48 -14.39 0.87 -12.97
C PRO A 48 -13.77 0.05 -14.11
N LEU A 49 -14.39 -1.11 -14.40
CA LEU A 49 -13.95 -1.99 -15.49
C LEU A 49 -13.94 -1.29 -16.87
N ARG A 59 -21.72 5.36 -10.19
CA ARG A 59 -23.08 4.90 -10.53
C ARG A 59 -23.44 3.52 -9.93
N TRP A 60 -24.63 3.42 -9.33
CA TRP A 60 -25.19 2.18 -8.75
C TRP A 60 -25.13 1.01 -9.71
N GLY A 61 -24.77 -0.16 -9.20
CA GLY A 61 -24.75 -1.38 -9.99
C GLY A 61 -23.59 -1.55 -10.95
N GLN A 62 -22.87 -0.46 -11.23
CA GLN A 62 -21.76 -0.50 -12.19
C GLN A 62 -20.56 -1.28 -11.63
N PRO A 63 -20.09 -2.29 -12.38
CA PRO A 63 -19.05 -3.21 -11.89
C PRO A 63 -17.72 -2.49 -11.79
N LEU A 64 -16.93 -2.82 -10.75
CA LEU A 64 -15.64 -2.18 -10.53
C LEU A 64 -14.77 -3.02 -9.61
N ARG A 65 -13.45 -2.83 -9.74
CA ARG A 65 -12.47 -3.39 -8.82
C ARG A 65 -12.17 -2.35 -7.74
N ILE A 66 -11.84 -2.85 -6.55
CA ILE A 66 -11.41 -2.04 -5.43
C ILE A 66 -9.98 -2.42 -5.08
N ARG A 67 -9.04 -1.55 -5.43
CA ARG A 67 -7.59 -1.77 -5.27
C ARG A 67 -7.10 -1.26 -3.93
N HIS A 68 -6.23 -2.00 -3.26
CA HIS A 68 -5.57 -1.45 -2.09
C HIS A 68 -4.37 -0.62 -2.56
N VAL A 69 -4.25 0.61 -2.09
CA VAL A 69 -3.32 1.56 -2.71
C VAL A 69 -1.84 1.23 -2.44
N THR A 70 -1.44 1.16 -1.17
CA THR A 70 -0.04 0.99 -0.78
C THR A 70 0.53 -0.38 -1.17
N THR A 71 -0.31 -1.41 -1.23
CA THR A 71 0.18 -2.73 -1.59
C THR A 71 -0.17 -3.07 -3.04
N GLY A 72 -1.10 -2.32 -3.60
CA GLY A 72 -1.55 -2.57 -4.97
C GLY A 72 -2.26 -3.89 -5.16
N ARG A 73 -2.79 -4.45 -4.07
CA ARG A 73 -3.55 -5.69 -4.17
C ARG A 73 -5.05 -5.41 -4.29
N TYR A 74 -5.78 -6.35 -4.87
CA TYR A 74 -7.17 -6.11 -5.22
C TYR A 74 -8.11 -6.94 -4.36
N LEU A 75 -9.16 -6.31 -3.87
CA LEU A 75 -10.21 -6.99 -3.13
C LEU A 75 -10.83 -8.10 -4.00
N ALA A 76 -11.06 -9.27 -3.40
CA ALA A 76 -11.56 -10.43 -4.14
C ALA A 76 -12.24 -11.54 -3.30
N LEU A 77 -13.07 -12.36 -3.94
CA LEU A 77 -13.61 -13.60 -3.36
C LEU A 77 -12.79 -14.81 -3.84
N THR A 78 -12.38 -15.65 -2.87
CA THR A 78 -11.64 -16.88 -3.14
C THR A 78 -12.44 -18.08 -2.60
N GLU A 79 -12.40 -19.22 -3.28
CA GLU A 79 -13.02 -20.42 -2.75
C GLU A 79 -12.31 -20.78 -1.43
N ASP A 80 -10.99 -20.59 -1.40
CA ASP A 80 -10.15 -21.07 -0.30
C ASP A 80 -10.15 -20.20 0.95
N GLN A 81 -10.35 -18.90 0.78
CA GLN A 81 -10.29 -17.98 1.90
C GLN A 81 -11.45 -16.99 1.96
N GLY A 82 -12.38 -17.11 1.00
CA GLY A 82 -13.45 -16.15 0.87
C GLY A 82 -12.90 -14.79 0.50
N LEU A 83 -13.34 -13.76 1.23
CA LEU A 83 -12.88 -12.40 1.01
C LEU A 83 -11.43 -12.20 1.45
N VAL A 84 -10.60 -11.91 0.45
CA VAL A 84 -9.21 -11.55 0.64
C VAL A 84 -8.82 -10.48 -0.39
N VAL A 85 -7.53 -10.15 -0.35
CA VAL A 85 -6.94 -9.10 -1.17
C VAL A 85 -5.82 -9.82 -1.93
N VAL A 86 -5.85 -9.66 -3.25
CA VAL A 86 -5.18 -10.56 -4.17
C VAL A 86 -4.21 -9.80 -5.08
N ASP A 87 -3.09 -10.45 -5.44
CA ASP A 87 -2.10 -9.88 -6.35
C ASP A 87 -2.74 -9.48 -7.67
N ALA A 88 -2.40 -8.30 -8.19
CA ALA A 88 -2.90 -7.84 -9.50
C ALA A 88 -2.93 -8.90 -10.65
N CYS A 89 -1.93 -9.79 -10.67
CA CYS A 89 -1.85 -10.83 -11.69
C CYS A 89 -2.95 -11.87 -11.60
N LYS A 90 -3.47 -12.10 -10.41
CA LYS A 90 -4.57 -13.06 -10.20
C LYS A 90 -5.93 -12.37 -10.06
N ALA A 91 -5.98 -11.08 -10.35
CA ALA A 91 -7.19 -10.27 -10.20
C ALA A 91 -8.10 -10.32 -11.41
N HIS A 92 -8.60 -11.49 -11.74
CA HIS A 92 -9.51 -11.59 -12.88
C HIS A 92 -10.92 -11.13 -12.58
N THR A 93 -11.57 -10.62 -13.62
CA THR A 93 -12.94 -10.08 -13.57
C THR A 93 -13.93 -10.81 -12.66
N LYS A 94 -14.02 -12.13 -12.75
CA LYS A 94 -14.95 -12.90 -11.92
C LYS A 94 -14.63 -12.70 -10.42
N ALA A 95 -13.35 -12.90 -10.06
CA ALA A 95 -12.90 -12.75 -8.68
C ALA A 95 -13.01 -11.34 -8.11
N THR A 96 -12.73 -10.32 -8.90
CA THR A 96 -12.42 -9.02 -8.29
C THR A 96 -13.44 -7.92 -8.58
N SER A 97 -14.50 -8.30 -9.29
CA SER A 97 -15.52 -7.36 -9.74
C SER A 97 -16.66 -7.21 -8.72
N PHE A 98 -16.88 -5.97 -8.26
CA PHE A 98 -17.94 -5.61 -7.32
C PHE A 98 -18.80 -4.48 -7.87
N CYS A 99 -19.93 -4.27 -7.24
CA CYS A 99 -20.69 -3.06 -7.50
C CYS A 99 -21.25 -2.57 -6.17
N PHE A 100 -21.77 -1.34 -6.20
CA PHE A 100 -22.52 -0.80 -5.08
C PHE A 100 -24.00 -0.89 -5.39
N ARG A 101 -24.77 -1.12 -4.33
CA ARG A 101 -26.22 -1.25 -4.38
C ARG A 101 -26.87 -0.38 -3.28
N VAL A 102 -28.04 0.20 -3.57
CA VAL A 102 -28.79 1.05 -2.61
C VAL A 102 -29.37 0.24 -1.46
N SER A 103 -29.87 -0.95 -1.80
CA SER A 103 -30.49 -1.86 -0.85
C SER A 103 -30.08 -3.28 -1.21
N LYS A 104 -30.64 -4.26 -0.51
CA LYS A 104 -30.24 -5.65 -0.70
C LYS A 104 -31.25 -6.52 -1.46
N GLU A 105 -32.34 -5.90 -1.93
CA GLU A 105 -33.40 -6.57 -2.72
C GLU A 105 -32.93 -7.04 -4.13
N LYS A 106 -33.81 -7.75 -4.85
CA LYS A 106 -33.46 -8.31 -6.18
C LYS A 106 -34.66 -8.25 -7.13
N GLU A 122 -24.92 9.38 -10.08
CA GLU A 122 -25.69 8.57 -9.14
C GLU A 122 -25.07 8.56 -7.72
N ILE A 123 -23.88 7.97 -7.55
CA ILE A 123 -23.26 7.85 -6.23
C ILE A 123 -22.46 9.10 -5.81
N LYS A 124 -22.66 9.53 -4.56
CA LYS A 124 -22.01 10.74 -4.03
C LYS A 124 -21.26 10.47 -2.72
N TYR A 125 -20.08 11.05 -2.59
CA TYR A 125 -19.25 10.82 -1.39
C TYR A 125 -19.90 11.38 -0.14
N GLY A 126 -19.70 10.66 0.96
CA GLY A 126 -20.16 11.09 2.27
C GLY A 126 -21.65 11.32 2.42
N GLU A 127 -22.42 10.94 1.41
CA GLU A 127 -23.90 11.01 1.50
C GLU A 127 -24.57 9.64 1.27
N SER A 128 -24.11 8.92 0.27
CA SER A 128 -24.73 7.65 -0.10
C SER A 128 -24.25 6.53 0.79
N LEU A 129 -25.20 5.80 1.38
CA LEU A 129 -24.90 4.54 2.06
C LEU A 129 -24.81 3.39 1.05
N CYS A 130 -23.65 2.76 0.94
CA CYS A 130 -23.38 1.80 -0.14
C CYS A 130 -23.22 0.38 0.33
N PHE A 131 -24.12 -0.48 -0.11
CA PHE A 131 -23.94 -1.90 0.09
C PHE A 131 -22.99 -2.38 -0.97
N VAL A 132 -22.05 -3.22 -0.58
CA VAL A 132 -21.04 -3.68 -1.51
C VAL A 132 -21.31 -5.14 -1.84
N GLN A 133 -21.52 -5.40 -3.13
CA GLN A 133 -21.82 -6.76 -3.59
C GLN A 133 -20.75 -7.28 -4.53
N HIS A 134 -20.45 -8.57 -4.43
CA HIS A 134 -19.59 -9.26 -5.38
C HIS A 134 -20.46 -9.67 -6.56
N VAL A 135 -20.09 -9.26 -7.77
CA VAL A 135 -21.01 -9.39 -8.91
C VAL A 135 -21.37 -10.83 -9.23
N ALA A 136 -20.35 -11.66 -9.47
CA ALA A 136 -20.54 -13.07 -9.88
C ALA A 136 -21.30 -13.96 -8.87
N SER A 137 -21.08 -13.73 -7.57
CA SER A 137 -21.68 -14.56 -6.52
C SER A 137 -22.92 -13.98 -5.83
N GLY A 138 -23.09 -12.67 -5.90
CA GLY A 138 -24.22 -12.02 -5.26
C GLY A 138 -24.02 -11.83 -3.76
N LEU A 139 -22.83 -12.18 -3.27
CA LEU A 139 -22.53 -12.04 -1.83
C LEU A 139 -22.29 -10.60 -1.38
N TRP A 140 -22.71 -10.30 -0.14
CA TRP A 140 -22.60 -8.97 0.46
C TRP A 140 -21.37 -8.85 1.33
N LEU A 141 -20.71 -7.71 1.19
CA LEU A 141 -19.59 -7.35 2.05
C LEU A 141 -20.11 -7.06 3.45
N THR A 142 -19.52 -7.74 4.42
CA THR A 142 -20.02 -7.68 5.79
C THR A 142 -18.94 -8.11 6.80
N TYR A 143 -19.34 -8.30 8.06
CA TYR A 143 -18.45 -8.74 9.13
C TYR A 143 -18.98 -10.04 9.75
N LYS A 157 -10.85 -4.37 16.11
CA LYS A 157 -10.83 -4.84 14.73
C LYS A 157 -11.78 -6.03 14.55
N LYS A 158 -12.62 -5.95 13.52
CA LYS A 158 -13.52 -7.05 13.15
C LYS A 158 -13.19 -7.50 11.72
N LYS A 159 -13.18 -8.81 11.50
CA LYS A 159 -12.80 -9.38 10.21
C LYS A 159 -13.93 -9.25 9.18
N ALA A 160 -13.63 -8.64 8.03
CA ALA A 160 -14.59 -8.47 6.94
C ALA A 160 -14.78 -9.72 6.06
N ILE A 161 -16.03 -10.04 5.74
CA ILE A 161 -16.31 -11.21 4.89
C ILE A 161 -17.36 -10.98 3.80
N LEU A 162 -17.57 -11.99 2.99
CA LEU A 162 -18.65 -12.00 2.02
C LEU A 162 -19.68 -13.05 2.45
N HIS A 163 -20.91 -12.60 2.71
CA HIS A 163 -21.95 -13.49 3.22
C HIS A 163 -23.19 -13.39 2.35
N GLN A 164 -24.02 -14.44 2.37
CA GLN A 164 -25.27 -14.48 1.59
C GLN A 164 -26.31 -13.45 2.06
N GLU A 165 -26.35 -13.21 3.37
CA GLU A 165 -27.30 -12.29 3.96
C GLU A 165 -26.65 -11.07 4.63
N GLY A 166 -25.62 -11.31 5.41
CA GLY A 166 -24.95 -10.23 6.12
C GLY A 166 -25.78 -9.52 7.16
N HIS A 167 -25.68 -8.20 7.17
CA HIS A 167 -26.23 -7.41 8.27
C HIS A 167 -26.88 -6.13 7.86
N MET A 168 -27.69 -5.62 8.76
CA MET A 168 -28.40 -4.37 8.58
C MET A 168 -27.47 -3.22 8.27
N ASP A 169 -26.35 -3.18 8.98
CA ASP A 169 -25.46 -2.03 9.00
C ASP A 169 -24.25 -2.15 8.09
N ASP A 170 -24.37 -3.00 7.07
CA ASP A 170 -23.34 -3.24 6.04
C ASP A 170 -22.93 -2.04 5.17
N ALA A 171 -23.87 -1.13 4.97
CA ALA A 171 -23.72 0.04 4.10
C ALA A 171 -22.54 0.91 4.50
N LEU A 172 -21.70 1.24 3.51
CA LEU A 172 -20.49 2.04 3.70
C LEU A 172 -20.62 3.44 3.09
N PHE A 173 -20.01 4.41 3.75
CA PHE A 173 -19.84 5.76 3.19
C PHE A 173 -18.53 5.77 2.43
N LEU A 174 -18.57 6.25 1.17
CA LEU A 174 -17.36 6.50 0.41
C LEU A 174 -16.83 7.86 0.84
N THR A 175 -15.58 7.91 1.33
CA THR A 175 -15.08 9.12 1.99
C THR A 175 -13.77 9.61 1.39
N ARG A 176 -13.83 10.80 0.79
CA ARG A 176 -12.65 11.42 0.19
C ARG A 176 -11.61 11.60 1.29
N CYS A 177 -10.33 11.44 0.93
CA CYS A 177 -9.24 11.70 1.86
C CYS A 177 -8.44 12.95 1.45
N GLN A 178 -7.48 13.35 2.27
CA GLN A 178 -6.59 14.48 1.96
C GLN A 178 -5.64 14.14 0.80
N GLN A 179 -5.28 15.16 0.02
CA GLN A 179 -4.29 15.04 -1.06
C GLN A 179 -2.98 14.51 -0.54
N GLU A 180 -2.58 15.03 0.61
CA GLU A 180 -1.35 14.64 1.26
C GLU A 180 -1.31 13.13 1.54
N GLU A 181 -2.41 12.61 2.07
CA GLU A 181 -2.55 11.16 2.30
C GLU A 181 -2.50 10.33 1.02
N SER A 182 -3.21 10.76 -0.01
CA SER A 182 -3.19 10.05 -1.28
C SER A 182 -1.83 10.15 -1.98
N GLN A 183 -1.19 11.32 -1.93
CA GLN A 183 0.18 11.43 -2.47
C GLN A 183 1.06 10.43 -1.77
N ALA A 184 1.01 10.41 -0.45
CA ALA A 184 1.86 9.52 0.35
C ALA A 184 1.54 8.07 0.05
N ALA A 185 0.25 7.73 -0.05
CA ALA A 185 -0.12 6.32 -0.31
C ALA A 185 0.48 5.85 -1.64
N ARG A 186 0.38 6.69 -2.67
CA ARG A 186 0.93 6.39 -4.00
C ARG A 186 2.43 6.29 -4.00
N MET A 187 3.10 7.20 -3.31
CA MET A 187 4.54 7.15 -3.18
C MET A 187 4.98 5.91 -2.42
N ILE A 188 4.30 5.58 -1.32
CA ILE A 188 4.64 4.41 -0.53
C ILE A 188 4.52 3.15 -1.41
N HIS A 189 3.49 3.10 -2.25
CA HIS A 189 3.30 1.95 -3.12
C HIS A 189 4.47 1.83 -4.09
N SER A 190 4.81 2.95 -4.73
CA SER A 190 5.88 3.05 -5.74
C SER A 190 7.24 2.64 -5.20
N THR A 191 7.61 3.26 -4.09
CA THR A 191 8.89 3.10 -3.45
C THR A 191 9.07 1.70 -2.92
N ALA A 192 8.00 1.13 -2.34
CA ALA A 192 8.01 -0.26 -1.88
C ALA A 192 8.22 -1.20 -3.07
N GLY A 193 7.52 -0.94 -4.16
CA GLY A 193 7.63 -1.75 -5.37
C GLY A 193 9.05 -1.71 -5.86
N LEU A 194 9.67 -0.52 -5.78
CA LEU A 194 11.00 -0.32 -6.30
C LEU A 194 12.07 -0.94 -5.40
N TYR A 195 11.97 -0.73 -4.09
CA TYR A 195 13.02 -1.25 -3.22
C TYR A 195 12.99 -2.76 -3.11
N ASN A 196 11.79 -3.37 -3.25
CA ASN A 196 11.67 -4.82 -3.31
C ASN A 196 12.25 -5.42 -4.60
N GLN A 197 12.13 -4.69 -5.71
CA GLN A 197 12.76 -5.07 -6.98
C GLN A 197 14.26 -5.03 -6.72
N PHE A 198 14.73 -3.99 -6.04
CA PHE A 198 16.16 -3.84 -5.74
C PHE A 198 16.64 -4.98 -4.82
N ILE A 199 15.86 -5.30 -3.78
CA ILE A 199 16.19 -6.36 -2.80
C ILE A 199 16.23 -7.73 -3.46
N LYS A 200 15.15 -8.12 -4.15
CA LYS A 200 15.14 -9.36 -4.97
C LYS A 200 16.35 -9.40 -5.92
N GLY A 201 16.71 -8.24 -6.45
CA GLY A 201 17.94 -8.07 -7.21
C GLY A 201 19.15 -8.49 -6.43
N LEU A 202 19.37 -7.91 -5.25
CA LEU A 202 20.54 -8.27 -4.43
C LEU A 202 20.56 -9.72 -4.02
N ASP A 203 19.37 -10.26 -3.75
CA ASP A 203 19.22 -11.64 -3.34
C ASP A 203 19.67 -12.65 -4.41
N SER A 204 19.43 -12.33 -5.68
CA SER A 204 19.76 -13.25 -6.78
C SER A 204 21.20 -13.70 -6.81
N PHE A 205 22.11 -12.79 -6.50
CA PHE A 205 23.53 -13.09 -6.57
C PHE A 205 24.26 -13.17 -5.21
N SER A 206 23.46 -13.19 -4.13
CA SER A 206 23.96 -13.34 -2.76
C SER A 206 24.60 -14.70 -2.57
N GLY A 207 25.93 -14.73 -2.50
CA GLY A 207 26.67 -15.98 -2.43
C GLY A 207 27.00 -16.57 -3.80
N LYS A 208 26.58 -15.88 -4.87
CA LYS A 208 26.87 -16.35 -6.22
C LYS A 208 27.77 -15.36 -7.01
N PRO A 209 29.11 -15.60 -7.04
CA PRO A 209 30.03 -14.76 -7.85
C PRO A 209 29.88 -15.01 -9.36
N ALA A 219 19.12 -7.67 -13.73
CA ALA A 219 19.67 -6.32 -13.90
C ALA A 219 19.08 -5.37 -12.86
N LEU A 220 19.97 -4.72 -12.10
CA LEU A 220 19.57 -3.91 -10.96
C LEU A 220 19.11 -2.51 -11.35
N PRO A 221 18.05 -1.99 -10.73
CA PRO A 221 17.54 -0.66 -11.13
C PRO A 221 18.27 0.51 -10.44
N ILE A 222 19.58 0.58 -10.66
CA ILE A 222 20.45 1.58 -10.00
C ILE A 222 19.95 3.01 -10.18
N GLU A 223 19.76 3.43 -11.42
CA GLU A 223 19.29 4.78 -11.68
C GLU A 223 17.96 5.05 -10.97
N ALA A 224 16.96 4.18 -11.15
CA ALA A 224 15.65 4.38 -10.55
C ALA A 224 15.78 4.56 -9.04
N VAL A 225 16.52 3.64 -8.40
CA VAL A 225 16.79 3.74 -6.96
C VAL A 225 17.45 5.07 -6.55
N ILE A 226 18.61 5.40 -7.14
CA ILE A 226 19.28 6.69 -6.82
C ILE A 226 18.27 7.82 -6.93
N LEU A 227 17.55 7.88 -8.03
CA LEU A 227 16.55 8.92 -8.23
C LEU A 227 15.49 8.91 -7.13
N SER A 228 15.09 7.73 -6.72
CA SER A 228 14.03 7.59 -5.72
C SER A 228 14.47 8.07 -4.35
N LEU A 229 15.64 7.64 -3.89
CA LEU A 229 16.23 8.17 -2.67
C LEU A 229 16.30 9.71 -2.67
N GLN A 230 16.92 10.27 -3.71
CA GLN A 230 17.07 11.73 -3.83
C GLN A 230 15.72 12.45 -3.70
N ASP A 231 14.70 11.93 -4.38
CA ASP A 231 13.39 12.54 -4.34
C ASP A 231 12.81 12.46 -2.94
N LEU A 232 12.94 11.31 -2.29
CA LEU A 232 12.38 11.16 -0.94
C LEU A 232 13.08 12.00 0.13
N ILE A 233 14.39 12.11 0.01
CA ILE A 233 15.18 12.98 0.87
C ILE A 233 14.67 14.42 0.77
N GLY A 234 14.41 14.88 -0.45
CA GLY A 234 13.86 16.22 -0.65
C GLY A 234 12.43 16.34 -0.17
N TYR A 235 11.68 15.26 -0.28
CA TYR A 235 10.30 15.21 0.12
C TYR A 235 10.20 15.38 1.62
N PHE A 236 11.18 14.84 2.34
CA PHE A 236 11.23 14.91 3.79
C PHE A 236 12.08 16.06 4.33
N GLU A 237 12.45 16.97 3.44
CA GLU A 237 13.26 18.14 3.78
C GLU A 237 12.53 18.96 4.82
N PRO A 238 13.23 19.40 5.88
CA PRO A 238 12.60 20.34 6.82
C PRO A 238 12.33 21.71 6.16
N PRO A 239 11.30 22.45 6.63
CA PRO A 239 11.12 23.83 6.15
C PRO A 239 12.07 24.80 6.83
N LYS A 248 5.49 28.04 8.69
CA LYS A 248 6.57 27.16 9.12
C LYS A 248 6.05 26.06 10.03
N GLN A 249 5.28 26.46 11.05
CA GLN A 249 4.63 25.52 11.96
C GLN A 249 3.67 24.57 11.25
N SER A 250 2.97 25.11 10.25
CA SER A 250 2.03 24.34 9.43
C SER A 250 2.74 23.37 8.48
N LYS A 251 3.94 23.76 8.03
CA LYS A 251 4.79 22.91 7.20
C LYS A 251 5.43 21.85 8.08
N LEU A 252 5.65 22.18 9.35
CA LEU A 252 6.19 21.21 10.31
C LEU A 252 5.20 20.09 10.66
N ARG A 253 3.95 20.45 10.90
CA ARG A 253 2.89 19.48 11.12
C ARG A 253 2.74 18.53 9.94
N SER A 254 2.74 19.10 8.75
CA SER A 254 2.65 18.34 7.51
C SER A 254 3.78 17.31 7.36
N LEU A 255 4.97 17.67 7.79
CA LEU A 255 6.16 16.83 7.62
C LEU A 255 6.09 15.67 8.60
N ARG A 256 5.80 15.99 9.86
CA ARG A 256 5.64 14.98 10.89
C ARG A 256 4.58 13.98 10.45
N ASN A 257 3.55 14.46 9.77
CA ASN A 257 2.44 13.60 9.36
C ASN A 257 2.83 12.66 8.23
N ARG A 258 3.65 13.14 7.29
CA ARG A 258 4.11 12.33 6.17
C ARG A 258 5.13 11.29 6.62
N GLN A 259 6.04 11.69 7.51
CA GLN A 259 6.96 10.73 8.17
C GLN A 259 6.19 9.56 8.76
N SER A 260 5.26 9.90 9.66
CA SER A 260 4.36 8.94 10.33
C SER A 260 3.70 7.96 9.35
N LEU A 261 3.08 8.48 8.29
CA LEU A 261 2.37 7.67 7.28
C LEU A 261 3.29 6.61 6.67
N PHE A 262 4.54 6.99 6.46
CA PHE A 262 5.61 6.13 5.97
C PHE A 262 6.11 5.13 7.02
N GLN A 263 6.23 5.58 8.28
CA GLN A 263 6.67 4.70 9.37
C GLN A 263 5.69 3.56 9.61
N GLU A 264 4.40 3.85 9.54
CA GLU A 264 3.37 2.84 9.75
C GLU A 264 3.29 1.81 8.62
N GLU A 265 3.79 2.19 7.43
CA GLU A 265 3.81 1.27 6.29
C GLU A 265 5.15 0.55 6.21
N GLY A 266 5.90 0.71 7.30
CA GLY A 266 7.10 -0.06 7.56
C GLY A 266 8.24 0.32 6.68
N MET A 267 8.30 1.59 6.26
CA MET A 267 9.34 2.07 5.34
C MET A 267 10.74 2.09 5.91
N LEU A 268 10.86 2.24 7.23
CA LEU A 268 12.13 2.14 7.94
C LEU A 268 12.72 0.73 7.75
N SER A 269 11.92 -0.29 8.02
CA SER A 269 12.30 -1.69 7.80
C SER A 269 12.82 -1.92 6.40
N LEU A 270 12.05 -1.40 5.43
CA LEU A 270 12.34 -1.53 4.02
C LEU A 270 13.72 -0.92 3.73
N VAL A 271 13.96 0.30 4.19
CA VAL A 271 15.21 0.98 3.88
C VAL A 271 16.37 0.24 4.52
N LEU A 272 16.17 -0.17 5.78
CA LEU A 272 17.17 -0.96 6.49
C LEU A 272 17.42 -2.31 5.84
N ASN A 273 16.39 -2.93 5.24
CA ASN A 273 16.62 -4.18 4.53
C ASN A 273 17.59 -3.97 3.36
N CYS A 274 17.51 -2.83 2.67
CA CYS A 274 18.48 -2.46 1.64
C CYS A 274 19.87 -2.21 2.22
N ILE A 275 19.93 -1.41 3.29
CA ILE A 275 21.20 -1.08 3.94
C ILE A 275 21.91 -2.37 4.36
N ASP A 276 21.18 -3.32 4.93
CA ASP A 276 21.75 -4.57 5.42
C ASP A 276 22.32 -5.46 4.33
N ARG A 277 21.66 -5.45 3.17
CA ARG A 277 22.05 -6.30 2.07
C ARG A 277 23.24 -5.74 1.32
N LEU A 278 23.33 -4.42 1.25
CA LEU A 278 24.50 -3.74 0.72
C LEU A 278 25.71 -3.74 1.67
N ASN A 279 25.47 -3.68 2.99
CA ASN A 279 26.56 -3.75 3.97
C ASN A 279 27.23 -5.10 4.15
N VAL A 280 26.74 -6.12 3.44
CA VAL A 280 27.39 -7.43 3.40
C VAL A 280 28.75 -7.32 2.68
N TYR A 281 28.94 -6.22 1.96
CA TYR A 281 30.12 -5.98 1.13
C TYR A 281 30.97 -4.89 1.74
N THR A 282 32.28 -5.12 1.80
CA THR A 282 33.17 -4.19 2.46
C THR A 282 33.53 -3.03 1.55
N THR A 283 33.67 -3.30 0.25
CA THR A 283 34.00 -2.26 -0.72
C THR A 283 33.16 -2.37 -1.97
N ALA A 284 33.12 -1.29 -2.74
CA ALA A 284 32.64 -1.30 -4.12
C ALA A 284 33.26 -2.48 -4.88
N ALA A 285 34.59 -2.62 -4.78
CA ALA A 285 35.28 -3.75 -5.43
C ALA A 285 34.70 -5.11 -5.02
N HIS A 286 34.44 -5.28 -3.72
CA HIS A 286 33.87 -6.53 -3.23
C HIS A 286 32.50 -6.79 -3.86
N PHE A 287 31.66 -5.76 -3.81
CA PHE A 287 30.38 -5.76 -4.49
C PHE A 287 30.49 -6.16 -5.97
N ALA A 288 31.49 -5.62 -6.68
CA ALA A 288 31.68 -5.87 -8.11
C ALA A 288 31.74 -7.35 -8.48
N GLU A 289 32.32 -8.16 -7.57
CA GLU A 289 32.54 -9.59 -7.81
C GLU A 289 31.22 -10.36 -7.91
N TYR A 290 30.14 -9.71 -7.43
CA TYR A 290 28.80 -10.31 -7.42
C TYR A 290 27.85 -9.58 -8.35
N ALA A 291 27.75 -8.25 -8.18
CA ALA A 291 26.94 -7.39 -9.04
C ALA A 291 27.72 -7.02 -10.28
N GLY A 292 27.18 -6.13 -11.10
CA GLY A 292 28.03 -5.54 -12.16
C GLY A 292 29.31 -4.87 -11.62
N GLU A 293 30.32 -4.71 -12.46
CA GLU A 293 31.33 -3.70 -12.18
C GLU A 293 30.63 -2.34 -12.41
N GLU A 294 29.69 -2.34 -13.35
CA GLU A 294 28.85 -1.20 -13.67
C GLU A 294 27.95 -0.77 -12.50
N ALA A 295 27.39 -1.72 -11.76
CA ALA A 295 26.55 -1.39 -10.61
C ALA A 295 27.37 -0.98 -9.38
N ALA A 296 28.53 -1.62 -9.21
CA ALA A 296 29.43 -1.33 -8.09
C ALA A 296 29.91 0.12 -8.05
N GLU A 297 29.81 0.79 -9.20
CA GLU A 297 30.16 2.20 -9.30
C GLU A 297 29.19 3.05 -8.49
N SER A 298 28.00 2.52 -8.24
CA SER A 298 26.97 3.24 -7.50
C SER A 298 26.78 2.77 -6.05
N TRP A 299 27.60 1.82 -5.61
CA TRP A 299 27.49 1.23 -4.27
C TRP A 299 27.58 2.26 -3.13
N LYS A 300 28.73 2.91 -2.95
CA LYS A 300 28.91 3.89 -1.87
C LYS A 300 27.76 4.90 -1.86
N GLU A 301 27.49 5.51 -3.01
CA GLU A 301 26.44 6.50 -3.14
C GLU A 301 25.05 5.99 -2.70
N ILE A 302 24.69 4.77 -3.10
CA ILE A 302 23.40 4.23 -2.69
C ILE A 302 23.33 4.03 -1.17
N VAL A 303 24.38 3.48 -0.55
CA VAL A 303 24.31 3.32 0.89
C VAL A 303 24.27 4.66 1.66
N ASN A 304 24.98 5.68 1.16
CA ASN A 304 24.86 7.02 1.74
C ASN A 304 23.43 7.60 1.65
N LEU A 305 22.80 7.44 0.49
CA LEU A 305 21.44 7.97 0.34
C LEU A 305 20.45 7.18 1.19
N LEU A 306 20.67 5.88 1.32
CA LEU A 306 19.82 5.05 2.14
C LEU A 306 19.87 5.47 3.61
N TYR A 307 21.09 5.63 4.13
CA TYR A 307 21.31 6.19 5.46
C TYR A 307 20.73 7.59 5.57
N GLU A 308 20.75 8.35 4.48
CA GLU A 308 20.13 9.66 4.52
C GLU A 308 18.61 9.62 4.55
N LEU A 309 18.00 8.72 3.79
CA LEU A 309 16.55 8.57 3.84
C LEU A 309 16.07 8.13 5.22
N LEU A 310 16.81 7.18 5.81
CA LEU A 310 16.52 6.67 7.12
C LEU A 310 16.56 7.83 8.12
N ALA A 311 17.70 8.52 8.17
CA ALA A 311 17.81 9.70 9.01
C ALA A 311 16.62 10.66 8.75
N SER A 312 16.29 10.88 7.48
CA SER A 312 15.20 11.76 7.10
C SER A 312 13.84 11.35 7.64
N LEU A 313 13.59 10.05 7.71
CA LEU A 313 12.31 9.55 8.23
C LEU A 313 12.18 9.79 9.72
N ILE A 314 13.30 9.70 10.47
CA ILE A 314 13.33 9.83 11.94
C ILE A 314 13.34 11.29 12.42
N ARG A 315 14.00 12.18 11.69
CA ARG A 315 14.32 13.53 12.19
C ARG A 315 13.12 14.41 12.64
N GLY A 316 13.19 14.94 13.86
CA GLY A 316 12.33 16.06 14.32
C GLY A 316 10.82 15.89 14.16
#